data_6YIX
#
_entry.id   6YIX
#
_cell.length_a   54.366
_cell.length_b   58.099
_cell.length_c   66.654
_cell.angle_alpha   90.000
_cell.angle_beta   90.000
_cell.angle_gamma   90.000
#
_symmetry.space_group_name_H-M   'P 21 21 21'
#
loop_
_entity.id
_entity.type
_entity.pdbx_description
1 polymer 'Cationic trypsin'
2 non-polymer 'SULFATE ION'
3 non-polymer [azanyl(thiophen-3-yl)methylidene]azanium
4 non-polymer 'DIMETHYL SULFOXIDE'
5 water water
#
_entity_poly.entity_id   1
_entity_poly.type   'polypeptide(L)'
_entity_poly.pdbx_seq_one_letter_code
;IVGGYTCGANTVPYQVSLNSGYHFCGGSLINSQWVVSAAHCYKSGIQVRLGEDNINVVEGNEQFISASKSIVHPSYNSNT
LNNDIMLIKLKSAASLNSRVASISLPTSCASAGTQCLISGWGNTKSSGTSYPDVLKCLKAPILSDSSCKSAYPGQITSNM
FCAGYLEGGKDSCQGDSGGPVVCSGKLQGIVSWGSGCAQKNKPGVYTKVCNYVSWIKQTIASN
;
_entity_poly.pdbx_strand_id   A
#
loop_
_chem_comp.id
_chem_comp.type
_chem_comp.name
_chem_comp.formula
8M2 non-polymer [azanyl(thiophen-3-yl)methylidene]azanium 'C5 H7 N2 S 1'
DMS non-polymer 'DIMETHYL SULFOXIDE' 'C2 H6 O S'
SO4 non-polymer 'SULFATE ION' 'O4 S -2'
#
# COMPACT_ATOMS: atom_id res chain seq x y z
N ILE A 1 7.68 -6.00 5.07
CA ILE A 1 6.75 -7.01 5.55
C ILE A 1 7.49 -7.89 6.53
N VAL A 2 6.96 -8.02 7.75
CA VAL A 2 7.53 -8.88 8.77
C VAL A 2 6.69 -10.15 8.85
N GLY A 3 7.37 -11.30 8.85
CA GLY A 3 6.69 -12.56 9.02
C GLY A 3 5.90 -13.00 7.81
N GLY A 4 6.22 -12.49 6.63
CA GLY A 4 5.56 -12.87 5.40
C GLY A 4 6.32 -13.93 4.63
N TYR A 5 6.04 -13.99 3.34
CA TYR A 5 6.64 -14.97 2.43
C TYR A 5 7.00 -14.27 1.14
N THR A 6 7.94 -14.87 0.41
CA THR A 6 8.34 -14.33 -0.89
C THR A 6 7.19 -14.55 -1.87
N CYS A 7 6.66 -13.46 -2.42
CA CYS A 7 5.45 -13.57 -3.24
C CYS A 7 5.69 -14.48 -4.42
N GLY A 8 6.81 -14.29 -5.10
CA GLY A 8 7.10 -14.84 -6.40
C GLY A 8 7.06 -13.72 -7.42
N ALA A 9 7.99 -13.78 -8.37
CA ALA A 9 8.17 -12.70 -9.32
C ALA A 9 6.89 -12.45 -10.12
N ASN A 10 6.41 -11.21 -10.05
CA ASN A 10 5.32 -10.70 -10.87
C ASN A 10 3.99 -11.34 -10.57
N THR A 11 3.84 -11.91 -9.38
CA THR A 11 2.59 -12.52 -8.94
C THR A 11 1.64 -11.49 -8.35
N VAL A 12 2.07 -10.25 -8.18
CA VAL A 12 1.29 -9.14 -7.63
C VAL A 12 1.37 -8.02 -8.66
N PRO A 13 0.68 -8.14 -9.79
CA PRO A 13 1.03 -7.32 -10.96
C PRO A 13 0.62 -5.86 -10.84
N TYR A 14 -0.19 -5.52 -9.84
CA TYR A 14 -0.59 -4.15 -9.57
C TYR A 14 0.35 -3.46 -8.60
N GLN A 15 1.31 -4.18 -8.02
CA GLN A 15 2.22 -3.59 -7.06
C GLN A 15 3.25 -2.73 -7.80
N VAL A 16 3.41 -1.50 -7.35
CA VAL A 16 4.45 -0.65 -7.90
C VAL A 16 5.40 -0.21 -6.80
N SER A 17 6.61 0.16 -7.21
CA SER A 17 7.62 0.77 -6.36
C SER A 17 7.73 2.24 -6.79
N LEU A 18 7.63 3.15 -5.83
CA LEU A 18 7.90 4.56 -6.07
C LEU A 18 9.37 4.83 -5.79
N ASN A 19 10.06 5.41 -6.76
CA ASN A 19 11.51 5.58 -6.76
C ASN A 19 11.86 7.04 -6.96
N SER A 20 12.73 7.54 -6.08
CA SER A 20 13.27 8.89 -6.20
C SER A 20 14.79 8.83 -6.10
N GLY A 21 15.38 7.91 -6.84
CA GLY A 21 16.77 7.54 -6.70
C GLY A 21 16.95 6.25 -5.94
N TYR A 22 15.88 5.75 -5.34
CA TYR A 22 15.84 4.62 -4.44
C TYR A 22 14.36 4.38 -4.19
N HIS A 23 14.02 3.14 -3.84
CA HIS A 23 12.65 2.83 -3.45
C HIS A 23 12.33 3.49 -2.12
N PHE A 24 11.18 4.17 -2.05
CA PHE A 24 10.76 4.75 -0.78
C PHE A 24 9.34 4.40 -0.35
N CYS A 25 8.49 3.89 -1.24
CA CYS A 25 7.12 3.60 -0.89
C CYS A 25 6.58 2.66 -1.97
N GLY A 26 5.50 1.98 -1.62
CA GLY A 26 4.75 1.20 -2.57
C GLY A 26 3.60 2.00 -3.12
N GLY A 27 2.88 1.37 -4.04
CA GLY A 27 1.67 1.93 -4.61
C GLY A 27 0.95 0.83 -5.36
N SER A 28 -0.24 1.16 -5.85
CA SER A 28 -1.09 0.20 -6.56
C SER A 28 -1.55 0.82 -7.88
N LEU A 29 -1.36 0.10 -8.97
CA LEU A 29 -1.81 0.56 -10.29
C LEU A 29 -3.30 0.33 -10.40
N ILE A 30 -4.06 1.38 -10.65
CA ILE A 30 -5.53 1.26 -10.74
C ILE A 30 -6.07 1.48 -12.14
N ASN A 31 -5.29 2.01 -13.05
CA ASN A 31 -5.56 1.96 -14.49
C ASN A 31 -4.22 2.20 -15.16
N SER A 32 -4.23 2.24 -16.50
CA SER A 32 -2.95 2.31 -17.19
C SER A 32 -2.16 3.57 -16.89
N GLN A 33 -2.79 4.63 -16.35
CA GLN A 33 -2.06 5.87 -16.14
C GLN A 33 -2.08 6.40 -14.70
N TRP A 34 -2.65 5.66 -13.75
CA TRP A 34 -2.82 6.17 -12.40
C TRP A 34 -2.44 5.14 -11.34
N VAL A 35 -1.80 5.64 -10.30
CA VAL A 35 -1.40 4.87 -9.13
C VAL A 35 -2.01 5.48 -7.88
N VAL A 36 -2.46 4.62 -6.96
CA VAL A 36 -2.88 5.01 -5.62
C VAL A 36 -1.75 4.71 -4.65
N SER A 37 -1.45 5.65 -3.77
CA SER A 37 -0.46 5.45 -2.72
C SER A 37 -0.92 6.19 -1.47
N ALA A 38 -0.02 6.29 -0.50
CA ALA A 38 -0.30 7.01 0.74
C ALA A 38 0.13 8.46 0.58
N ALA A 39 -0.69 9.37 1.10
CA ALA A 39 -0.31 10.78 1.09
C ALA A 39 1.01 11.04 1.79
N HIS A 40 1.35 10.27 2.83
CA HIS A 40 2.61 10.51 3.53
C HIS A 40 3.81 10.10 2.71
N CYS A 41 3.59 9.45 1.58
CA CYS A 41 4.65 9.15 0.63
C CYS A 41 4.89 10.29 -0.35
N TYR A 42 4.11 11.38 -0.29
CA TYR A 42 4.28 12.44 -1.27
C TYR A 42 5.70 13.00 -1.24
N LYS A 43 6.25 13.21 -2.43
CA LYS A 43 7.47 13.99 -2.62
C LYS A 43 7.55 14.35 -4.09
N SER A 44 8.46 15.26 -4.40
CA SER A 44 8.74 15.61 -5.78
C SER A 44 9.63 14.55 -6.44
N GLY A 45 9.59 14.52 -7.77
CA GLY A 45 10.51 13.71 -8.55
C GLY A 45 10.28 12.21 -8.45
N ILE A 46 9.03 11.78 -8.50
CA ILE A 46 8.70 10.36 -8.37
C ILE A 46 8.78 9.69 -9.73
N GLN A 47 9.45 8.55 -9.78
CA GLN A 47 9.36 7.62 -10.89
C GLN A 47 8.62 6.38 -10.42
N VAL A 48 7.59 5.99 -11.17
CA VAL A 48 6.81 4.80 -10.88
C VAL A 48 7.48 3.62 -11.57
N ARG A 49 7.75 2.56 -10.80
CA ARG A 49 8.36 1.36 -11.35
C ARG A 49 7.42 0.17 -11.25
N LEU A 50 7.04 -0.35 -12.41
CA LEU A 50 6.06 -1.39 -12.56
C LEU A 50 6.78 -2.67 -13.01
N GLY A 51 6.14 -3.81 -12.77
CA GLY A 51 6.73 -5.07 -13.20
C GLY A 51 7.96 -5.51 -12.45
N GLU A 52 8.17 -4.98 -11.25
CA GLU A 52 9.36 -5.26 -10.48
C GLU A 52 9.24 -6.55 -9.70
N ASP A 53 10.38 -7.25 -9.63
N ASP A 53 10.35 -7.29 -9.57
CA ASP A 53 10.55 -8.42 -8.78
CA ASP A 53 10.44 -8.26 -8.49
C ASP A 53 11.58 -8.00 -7.76
C ASP A 53 11.64 -7.91 -7.60
N ASN A 54 12.88 -8.14 -8.04
CA ASN A 54 13.98 -7.60 -7.26
C ASN A 54 14.19 -6.14 -7.66
N ILE A 55 13.96 -5.22 -6.73
CA ILE A 55 14.04 -3.79 -7.06
C ILE A 55 15.45 -3.31 -7.35
N ASN A 56 16.46 -4.13 -7.10
CA ASN A 56 17.83 -3.79 -7.41
C ASN A 56 18.34 -4.41 -8.71
N VAL A 57 17.51 -5.15 -9.43
CA VAL A 57 17.92 -5.84 -10.65
C VAL A 57 16.89 -5.58 -11.74
N VAL A 58 17.35 -5.31 -12.96
CA VAL A 58 16.47 -5.22 -14.12
C VAL A 58 16.35 -6.62 -14.71
N GLU A 59 15.17 -7.23 -14.56
CA GLU A 59 14.99 -8.64 -14.90
C GLU A 59 14.24 -8.85 -16.20
N GLY A 60 13.56 -7.84 -16.72
CA GLY A 60 13.01 -7.94 -18.05
C GLY A 60 11.54 -7.63 -18.22
N ASN A 61 10.80 -7.50 -17.12
CA ASN A 61 9.38 -7.17 -17.20
C ASN A 61 9.07 -5.77 -16.68
N GLU A 62 10.08 -4.96 -16.38
CA GLU A 62 9.85 -3.69 -15.75
C GLU A 62 9.42 -2.64 -16.76
N GLN A 63 8.64 -1.66 -16.27
CA GLN A 63 8.40 -0.40 -16.95
C GLN A 63 8.66 0.70 -15.93
N PHE A 64 9.52 1.65 -16.29
CA PHE A 64 9.87 2.78 -15.44
C PHE A 64 9.27 4.02 -16.09
N ILE A 65 8.34 4.70 -15.42
CA ILE A 65 7.61 5.81 -16.00
C ILE A 65 7.55 6.93 -14.97
N SER A 66 8.01 8.12 -15.35
CA SER A 66 7.99 9.25 -14.43
C SER A 66 6.57 9.73 -14.23
N ALA A 67 6.29 10.26 -13.04
CA ALA A 67 5.01 10.87 -12.74
C ALA A 67 4.92 12.26 -13.36
N SER A 68 3.75 12.57 -13.91
CA SER A 68 3.48 13.91 -14.40
C SER A 68 2.82 14.80 -13.36
N LYS A 69 2.14 14.21 -12.38
CA LYS A 69 1.50 14.98 -11.35
C LYS A 69 1.16 14.05 -10.21
N SER A 70 1.01 14.64 -9.02
N SER A 70 1.00 14.62 -9.03
CA SER A 70 0.55 13.95 -7.83
CA SER A 70 0.48 13.89 -7.91
C SER A 70 -0.56 14.78 -7.22
C SER A 70 -0.56 14.75 -7.21
N ILE A 71 -1.54 14.09 -6.62
CA ILE A 71 -2.69 14.73 -6.00
C ILE A 71 -2.88 14.10 -4.62
N VAL A 72 -2.47 14.84 -3.59
CA VAL A 72 -2.71 14.43 -2.20
C VAL A 72 -4.16 14.73 -1.84
N HIS A 73 -4.76 13.85 -1.06
CA HIS A 73 -6.15 14.05 -0.71
C HIS A 73 -6.35 15.42 -0.06
N PRO A 74 -7.40 16.15 -0.43
CA PRO A 74 -7.57 17.52 0.09
C PRO A 74 -7.67 17.61 1.60
N SER A 75 -8.08 16.54 2.29
CA SER A 75 -8.27 16.56 3.72
C SER A 75 -7.18 15.79 4.46
N TYR A 76 -6.10 15.41 3.77
CA TYR A 76 -5.01 14.73 4.45
C TYR A 76 -4.45 15.58 5.57
N ASN A 77 -4.32 14.98 6.75
CA ASN A 77 -3.68 15.60 7.89
C ASN A 77 -2.45 14.77 8.23
N SER A 78 -1.28 15.38 8.08
CA SER A 78 -0.04 14.62 8.27
C SER A 78 0.27 14.33 9.73
N ASN A 79 -0.38 15.01 10.67
CA ASN A 79 -0.18 14.72 12.08
C ASN A 79 -0.95 13.48 12.52
N THR A 80 -2.21 13.37 12.11
CA THR A 80 -3.06 12.25 12.49
C THR A 80 -3.06 11.13 11.46
N LEU A 81 -2.52 11.39 10.28
CA LEU A 81 -2.61 10.50 9.11
C LEU A 81 -4.04 10.22 8.67
N ASN A 82 -5.00 11.04 9.06
CA ASN A 82 -6.35 10.90 8.51
C ASN A 82 -6.32 11.25 7.03
N ASN A 83 -7.01 10.44 6.23
CA ASN A 83 -7.07 10.58 4.78
C ASN A 83 -5.69 10.40 4.14
N ASP A 84 -5.00 9.31 4.51
CA ASP A 84 -3.63 9.06 4.05
C ASP A 84 -3.71 8.36 2.69
N ILE A 85 -3.99 9.17 1.66
CA ILE A 85 -4.18 8.67 0.31
C ILE A 85 -3.77 9.76 -0.68
N MET A 86 -3.13 9.34 -1.76
N MET A 86 -3.19 9.32 -1.80
CA MET A 86 -2.79 10.24 -2.84
CA MET A 86 -2.66 10.19 -2.83
C MET A 86 -2.87 9.47 -4.15
C MET A 86 -2.74 9.47 -4.16
N LEU A 87 -3.00 10.23 -5.22
CA LEU A 87 -3.00 9.72 -6.58
C LEU A 87 -1.79 10.23 -7.33
N ILE A 88 -1.22 9.37 -8.15
CA ILE A 88 -0.03 9.69 -8.94
C ILE A 88 -0.34 9.36 -10.39
N LYS A 89 -0.18 10.33 -11.27
CA LYS A 89 -0.41 10.12 -12.69
C LYS A 89 0.91 9.86 -13.41
N LEU A 90 0.90 8.89 -14.30
CA LEU A 90 2.07 8.59 -15.12
C LEU A 90 2.12 9.49 -16.35
N LYS A 91 3.35 9.86 -16.74
CA LYS A 91 3.51 10.70 -17.93
C LYS A 91 3.03 9.99 -19.19
N SER A 92 3.19 8.67 -19.25
CA SER A 92 2.70 7.86 -20.35
C SER A 92 2.01 6.65 -19.76
N ALA A 93 1.05 6.11 -20.51
CA ALA A 93 0.31 4.96 -20.03
C ALA A 93 1.19 3.72 -19.99
N ALA A 94 1.08 2.96 -18.91
CA ALA A 94 1.79 1.69 -18.87
C ALA A 94 1.19 0.73 -19.89
N SER A 95 2.02 -0.17 -20.41
CA SER A 95 1.56 -1.24 -21.28
C SER A 95 1.09 -2.38 -20.38
N LEU A 96 -0.20 -2.65 -20.37
CA LEU A 96 -0.74 -3.65 -19.47
C LEU A 96 -0.60 -5.05 -20.05
N ASN A 97 -0.32 -6.00 -19.17
CA ASN A 97 -0.07 -7.39 -19.55
C ASN A 97 -0.27 -8.25 -18.30
N SER A 98 0.08 -9.53 -18.38
CA SER A 98 -0.19 -10.41 -17.25
C SER A 98 0.62 -10.05 -16.01
N ARG A 99 1.75 -9.35 -16.17
CA ARG A 99 2.67 -9.04 -15.09
C ARG A 99 2.62 -7.58 -14.65
N VAL A 100 1.94 -6.73 -15.41
CA VAL A 100 1.71 -5.33 -15.10
C VAL A 100 0.24 -5.10 -15.35
N ALA A 101 -0.55 -4.99 -14.29
CA ALA A 101 -2.00 -5.05 -14.41
C ALA A 101 -2.61 -4.19 -13.33
N SER A 102 -3.76 -3.59 -13.64
CA SER A 102 -4.42 -2.77 -12.65
C SER A 102 -5.22 -3.64 -11.68
N ILE A 103 -5.48 -3.08 -10.51
CA ILE A 103 -6.35 -3.68 -9.51
C ILE A 103 -7.62 -2.86 -9.43
N SER A 104 -8.76 -3.54 -9.36
CA SER A 104 -10.05 -2.88 -9.28
C SER A 104 -10.25 -2.16 -7.95
N LEU A 105 -10.95 -1.02 -8.01
CA LEU A 105 -11.41 -0.38 -6.81
C LEU A 105 -12.59 -1.16 -6.23
N PRO A 106 -12.83 -1.05 -4.94
CA PRO A 106 -13.93 -1.80 -4.33
C PRO A 106 -15.28 -1.23 -4.72
N THR A 107 -16.25 -2.12 -4.80
CA THR A 107 -17.65 -1.76 -4.89
C THR A 107 -18.27 -1.56 -3.51
N SER A 108 -17.79 -2.29 -2.51
CA SER A 108 -18.28 -2.14 -1.15
C SER A 108 -17.08 -2.25 -0.21
N CYS A 109 -17.24 -1.71 0.99
CA CYS A 109 -16.20 -1.86 2.00
C CYS A 109 -16.10 -3.30 2.46
N ALA A 110 -14.88 -3.77 2.69
CA ALA A 110 -14.69 -5.12 3.20
C ALA A 110 -14.89 -5.17 4.71
N SER A 111 -15.29 -6.32 5.20
CA SER A 111 -15.67 -6.51 6.60
C SER A 111 -14.53 -7.10 7.42
N ALA A 112 -14.55 -6.79 8.72
CA ALA A 112 -13.67 -7.49 9.65
C ALA A 112 -13.82 -8.99 9.46
N GLY A 113 -12.71 -9.69 9.50
CA GLY A 113 -12.67 -11.10 9.25
C GLY A 113 -12.27 -11.47 7.84
N THR A 114 -12.44 -10.57 6.88
CA THR A 114 -12.07 -10.89 5.51
C THR A 114 -10.55 -10.99 5.38
N GLN A 115 -10.09 -11.98 4.63
N GLN A 115 -10.10 -11.99 4.64
CA GLN A 115 -8.66 -12.18 4.43
CA GLN A 115 -8.68 -12.16 4.40
C GLN A 115 -8.17 -11.35 3.26
C GLN A 115 -8.22 -11.26 3.27
N CYS A 116 -7.01 -10.72 3.44
CA CYS A 116 -6.44 -9.81 2.46
C CYS A 116 -4.97 -10.14 2.23
N LEU A 117 -4.46 -9.66 1.11
CA LEU A 117 -3.06 -9.81 0.74
C LEU A 117 -2.39 -8.45 0.81
N ILE A 118 -1.35 -8.35 1.63
CA ILE A 118 -0.57 -7.13 1.85
C ILE A 118 0.83 -7.42 1.31
N SER A 119 1.41 -6.47 0.58
CA SER A 119 2.68 -6.73 -0.08
C SER A 119 3.57 -5.50 -0.08
N GLY A 120 4.88 -5.73 -0.18
CA GLY A 120 5.83 -4.65 -0.28
C GLY A 120 7.27 -5.08 -0.12
N TRP A 121 8.14 -4.09 -0.29
CA TRP A 121 9.58 -4.26 -0.24
C TRP A 121 10.18 -3.69 1.04
N GLY A 122 9.35 -3.47 2.08
CA GLY A 122 9.81 -2.88 3.31
C GLY A 122 10.56 -3.82 4.24
N ASN A 123 10.97 -3.24 5.36
CA ASN A 123 11.74 -3.96 6.37
C ASN A 123 11.05 -5.26 6.75
N THR A 124 11.85 -6.32 6.89
CA THR A 124 11.34 -7.62 7.33
C THR A 124 11.61 -7.91 8.79
N LYS A 125 12.18 -6.97 9.55
CA LYS A 125 12.48 -7.19 10.96
C LYS A 125 11.68 -6.25 11.86
N SER A 126 11.16 -6.79 12.95
CA SER A 126 10.51 -5.98 13.97
C SER A 126 11.53 -5.30 14.88
N SER A 127 12.72 -5.87 15.00
CA SER A 127 13.82 -5.27 15.73
C SER A 127 15.02 -5.21 14.81
N GLY A 128 15.48 -4.00 14.52
CA GLY A 128 16.54 -3.85 13.55
C GLY A 128 15.98 -3.72 12.15
N THR A 129 16.87 -3.87 11.16
CA THR A 129 16.51 -3.54 9.79
C THR A 129 17.15 -4.51 8.82
N SER A 130 16.31 -5.06 7.93
CA SER A 130 16.78 -5.83 6.80
C SER A 130 15.78 -5.64 5.68
N TYR A 131 16.25 -5.13 4.55
CA TYR A 131 15.38 -4.94 3.41
C TYR A 131 15.51 -6.10 2.45
N PRO A 132 14.37 -6.72 2.12
N PRO A 132 14.42 -6.65 1.90
CA PRO A 132 14.36 -7.69 1.04
CA PRO A 132 14.50 -7.94 1.20
C PRO A 132 14.34 -6.91 -0.25
C PRO A 132 14.83 -7.90 -0.28
N ASP A 133 15.08 -7.39 -1.19
N ASP A 133 14.66 -6.76 -0.94
CA ASP A 133 15.05 -6.79 -2.51
CA ASP A 133 14.91 -6.69 -2.38
C ASP A 133 13.94 -7.37 -3.37
C ASP A 133 13.78 -7.27 -3.23
N VAL A 134 13.42 -8.55 -3.03
CA VAL A 134 12.29 -9.15 -3.74
C VAL A 134 11.01 -8.87 -2.95
N LEU A 135 9.88 -8.92 -3.66
CA LEU A 135 8.61 -8.54 -3.06
C LEU A 135 8.16 -9.57 -2.03
N LYS A 136 7.73 -9.09 -0.86
CA LYS A 136 7.21 -9.93 0.20
C LYS A 136 5.70 -9.75 0.32
N CYS A 137 5.04 -10.80 0.80
CA CYS A 137 3.60 -10.92 0.84
C CYS A 137 3.19 -11.37 2.22
N LEU A 138 1.99 -10.98 2.62
CA LEU A 138 1.42 -11.42 3.88
C LEU A 138 -0.08 -11.55 3.72
N LYS A 139 -0.63 -12.69 4.11
CA LYS A 139 -2.07 -12.87 4.20
C LYS A 139 -2.49 -12.49 5.62
N ALA A 140 -3.49 -11.63 5.74
CA ALA A 140 -3.88 -11.09 7.04
C ALA A 140 -5.35 -10.75 7.01
N PRO A 141 -6.06 -10.92 8.12
CA PRO A 141 -7.48 -10.56 8.18
C PRO A 141 -7.67 -9.12 8.64
N ILE A 142 -8.74 -8.51 8.15
CA ILE A 142 -9.18 -7.23 8.70
C ILE A 142 -9.68 -7.45 10.11
N LEU A 143 -9.28 -6.58 11.04
CA LEU A 143 -9.70 -6.67 12.43
C LEU A 143 -10.93 -5.80 12.64
N SER A 144 -11.69 -6.14 13.68
CA SER A 144 -12.87 -5.36 14.02
C SER A 144 -12.48 -3.92 14.37
N ASP A 145 -13.39 -3.00 14.08
CA ASP A 145 -13.17 -1.61 14.46
C ASP A 145 -12.96 -1.48 15.96
N SER A 146 -13.71 -2.23 16.78
CA SER A 146 -13.55 -2.13 18.22
C SER A 146 -12.16 -2.59 18.66
N SER A 147 -11.66 -3.69 18.10
N SER A 147 -11.65 -3.68 18.09
CA SER A 147 -10.32 -4.14 18.45
CA SER A 147 -10.31 -4.11 18.50
C SER A 147 -9.28 -3.12 17.99
C SER A 147 -9.25 -3.16 17.97
N CYS A 148 -9.50 -2.54 16.82
CA CYS A 148 -8.56 -1.55 16.27
C CYS A 148 -8.47 -0.33 17.18
N LYS A 149 -9.64 0.21 17.57
CA LYS A 149 -9.66 1.36 18.47
C LYS A 149 -9.12 1.02 19.86
N SER A 150 -9.33 -0.20 20.32
CA SER A 150 -8.78 -0.61 21.61
C SER A 150 -7.26 -0.67 21.55
N ALA A 151 -6.71 -1.11 20.41
CA ALA A 151 -5.26 -1.19 20.23
C ALA A 151 -4.62 0.19 20.17
N TYR A 152 -5.32 1.17 19.61
CA TYR A 152 -4.80 2.51 19.40
C TYR A 152 -5.80 3.54 19.88
N PRO A 153 -5.98 3.67 21.19
CA PRO A 153 -6.96 4.64 21.72
C PRO A 153 -6.73 6.03 21.15
N GLY A 154 -7.82 6.65 20.70
CA GLY A 154 -7.82 8.02 20.26
C GLY A 154 -7.17 8.29 18.93
N GLN A 155 -6.86 7.25 18.15
N GLN A 155 -6.83 7.26 18.16
CA GLN A 155 -6.07 7.40 16.94
CA GLN A 155 -6.10 7.45 16.92
C GLN A 155 -6.74 6.87 15.68
C GLN A 155 -6.79 6.93 15.67
N ILE A 156 -7.76 6.04 15.80
CA ILE A 156 -8.39 5.40 14.65
C ILE A 156 -9.60 6.22 14.21
N THR A 157 -9.55 6.73 12.99
CA THR A 157 -10.68 7.44 12.41
C THR A 157 -11.51 6.52 11.54
N SER A 158 -12.64 7.04 11.06
CA SER A 158 -13.50 6.30 10.15
C SER A 158 -12.83 6.01 8.80
N ASN A 159 -11.67 6.61 8.54
CA ASN A 159 -10.94 6.43 7.30
C ASN A 159 -9.77 5.46 7.44
N MET A 160 -9.76 4.65 8.51
CA MET A 160 -8.69 3.71 8.80
C MET A 160 -9.30 2.39 9.23
N PHE A 161 -8.58 1.31 8.95
CA PHE A 161 -8.91 0.03 9.54
C PHE A 161 -7.62 -0.69 9.90
N CYS A 162 -7.73 -1.61 10.85
CA CYS A 162 -6.59 -2.43 11.25
C CYS A 162 -6.69 -3.78 10.53
N ALA A 163 -5.54 -4.35 10.23
CA ALA A 163 -5.46 -5.70 9.71
C ALA A 163 -4.18 -6.32 10.24
N GLY A 164 -4.22 -7.62 10.42
CA GLY A 164 -3.07 -8.33 10.95
C GLY A 164 -3.41 -9.21 12.13
N TYR A 165 -2.52 -9.23 13.12
CA TYR A 165 -2.54 -10.24 14.17
C TYR A 165 -2.18 -9.56 15.48
N LEU A 166 -3.10 -9.59 16.44
CA LEU A 166 -2.87 -8.96 17.73
C LEU A 166 -1.74 -9.63 18.50
N GLU A 167 -1.43 -10.90 18.20
CA GLU A 167 -0.31 -11.55 18.86
C GLU A 167 1.04 -11.07 18.37
N GLY A 168 1.08 -10.33 17.27
CA GLY A 168 2.34 -9.85 16.73
C GLY A 168 3.01 -10.89 15.85
N GLY A 169 4.14 -10.48 15.28
CA GLY A 169 4.96 -11.37 14.46
C GLY A 169 4.74 -11.26 12.97
N LYS A 170 3.59 -10.73 12.54
CA LYS A 170 3.24 -10.64 11.12
C LYS A 170 2.58 -9.29 10.89
N ASP A 171 3.19 -8.48 10.02
CA ASP A 171 2.70 -7.10 9.83
C ASP A 171 3.40 -6.50 8.62
N SER A 172 2.87 -5.38 8.14
CA SER A 172 3.66 -4.53 7.25
C SER A 172 4.62 -3.70 8.09
N CYS A 173 5.52 -2.99 7.43
CA CYS A 173 6.58 -2.29 8.14
C CYS A 173 7.08 -1.10 7.31
N GLN A 174 8.06 -0.39 7.86
CA GLN A 174 8.67 0.73 7.15
C GLN A 174 9.10 0.30 5.75
N GLY A 175 8.81 1.14 4.76
CA GLY A 175 9.10 0.83 3.37
C GLY A 175 7.95 0.19 2.63
N ASP A 176 6.95 -0.29 3.35
CA ASP A 176 5.76 -0.85 2.72
C ASP A 176 4.69 0.20 2.50
N SER A 177 4.84 1.38 3.12
CA SER A 177 3.80 2.40 3.09
C SER A 177 3.39 2.73 1.65
N GLY A 178 2.11 2.97 1.47
CA GLY A 178 1.59 3.27 0.18
C GLY A 178 1.16 2.06 -0.60
N GLY A 179 1.62 0.86 -0.20
CA GLY A 179 1.32 -0.33 -0.94
C GLY A 179 -0.06 -0.90 -0.67
N PRO A 180 -0.38 -1.98 -1.37
CA PRO A 180 -1.75 -2.49 -1.40
C PRO A 180 -2.13 -3.41 -0.27
N VAL A 181 -3.42 -3.34 0.08
CA VAL A 181 -4.15 -4.37 0.80
C VAL A 181 -5.30 -4.79 -0.12
N VAL A 182 -5.23 -6.00 -0.65
CA VAL A 182 -6.20 -6.49 -1.64
C VAL A 182 -7.00 -7.62 -1.00
N CYS A 183 -8.32 -7.54 -1.12
CA CYS A 183 -9.21 -8.52 -0.50
C CYS A 183 -10.22 -8.90 -1.55
N SER A 184 -10.29 -10.19 -1.86
CA SER A 184 -11.21 -10.70 -2.87
C SER A 184 -11.05 -9.95 -4.20
N GLY A 185 -9.81 -9.63 -4.54
CA GLY A 185 -9.52 -9.04 -5.83
C GLY A 185 -9.79 -7.56 -5.94
N LYS A 186 -10.00 -6.87 -4.82
CA LYS A 186 -10.27 -5.43 -4.82
C LYS A 186 -9.33 -4.73 -3.85
N LEU A 187 -8.90 -3.53 -4.22
CA LEU A 187 -8.02 -2.73 -3.38
C LEU A 187 -8.82 -2.10 -2.24
N GLN A 188 -8.71 -2.67 -1.04
CA GLN A 188 -9.43 -2.17 0.11
C GLN A 188 -8.60 -1.30 1.04
N GLY A 189 -7.28 -1.41 1.01
CA GLY A 189 -6.46 -0.67 1.92
C GLY A 189 -5.17 -0.20 1.28
N ILE A 190 -4.56 0.78 1.95
CA ILE A 190 -3.24 1.30 1.65
C ILE A 190 -2.43 1.22 2.94
N VAL A 191 -1.24 0.63 2.85
CA VAL A 191 -0.36 0.60 4.02
C VAL A 191 -0.12 2.02 4.51
N SER A 192 -0.49 2.30 5.76
CA SER A 192 -0.43 3.65 6.30
C SER A 192 0.47 3.78 7.52
N TRP A 193 0.18 3.12 8.63
CA TRP A 193 1.01 3.34 9.81
C TRP A 193 0.84 2.19 10.81
N GLY A 194 1.66 2.23 11.85
CA GLY A 194 1.56 1.33 13.00
C GLY A 194 2.62 1.76 13.99
N SER A 195 2.50 1.26 15.21
N SER A 195 2.52 1.22 15.20
CA SER A 195 3.50 1.51 16.23
CA SER A 195 3.50 1.52 16.24
C SER A 195 4.56 0.41 16.11
C SER A 195 4.57 0.43 16.19
N GLY A 196 5.75 0.77 15.66
CA GLY A 196 6.71 -0.28 15.35
C GLY A 196 6.15 -1.16 14.25
N CYS A 197 6.62 -2.41 14.21
CA CYS A 197 6.12 -3.41 13.28
C CYS A 197 6.00 -4.74 13.97
N ALA A 198 4.87 -5.41 13.74
CA ALA A 198 4.65 -6.78 14.22
C ALA A 198 4.72 -6.88 15.74
N GLN A 199 4.43 -5.78 16.44
CA GLN A 199 4.40 -5.78 17.89
C GLN A 199 3.05 -6.30 18.40
N LYS A 200 3.10 -6.95 19.56
CA LYS A 200 1.87 -7.44 20.17
C LYS A 200 0.92 -6.27 20.43
N ASN A 201 -0.35 -6.48 20.08
CA ASN A 201 -1.45 -5.52 20.28
C ASN A 201 -1.26 -4.22 19.52
N LYS A 202 -0.41 -4.22 18.50
CA LYS A 202 -0.17 -3.05 17.66
C LYS A 202 -0.23 -3.47 16.21
N PRO A 203 -1.42 -3.76 15.71
CA PRO A 203 -1.56 -4.23 14.33
C PRO A 203 -1.35 -3.08 13.36
N GLY A 204 -1.22 -3.44 12.09
CA GLY A 204 -1.09 -2.43 11.06
C GLY A 204 -2.38 -1.66 10.87
N VAL A 205 -2.23 -0.39 10.53
CA VAL A 205 -3.34 0.50 10.26
C VAL A 205 -3.27 0.92 8.80
N TYR A 206 -4.41 0.87 8.13
CA TYR A 206 -4.51 0.99 6.68
C TYR A 206 -5.58 2.02 6.31
N THR A 207 -5.32 2.77 5.24
CA THR A 207 -6.32 3.71 4.73
C THR A 207 -7.47 2.94 4.13
N LYS A 208 -8.69 3.37 4.47
CA LYS A 208 -9.91 2.66 4.08
C LYS A 208 -10.35 3.14 2.69
N VAL A 209 -9.87 2.42 1.67
CA VAL A 209 -10.01 2.88 0.28
C VAL A 209 -11.46 3.05 -0.13
N CYS A 210 -12.36 2.18 0.36
CA CYS A 210 -13.75 2.28 -0.07
C CYS A 210 -14.35 3.66 0.20
N ASN A 211 -13.84 4.40 1.18
CA ASN A 211 -14.36 5.73 1.46
C ASN A 211 -13.98 6.73 0.37
N TYR A 212 -13.02 6.39 -0.51
CA TYR A 212 -12.41 7.33 -1.44
C TYR A 212 -12.74 7.05 -2.89
N VAL A 213 -13.63 6.10 -3.17
CA VAL A 213 -13.85 5.71 -4.56
C VAL A 213 -14.41 6.87 -5.38
N SER A 214 -15.36 7.62 -4.81
CA SER A 214 -15.93 8.75 -5.53
C SER A 214 -14.86 9.80 -5.81
N TRP A 215 -14.04 10.10 -4.81
CA TRP A 215 -12.96 11.07 -5.01
C TRP A 215 -11.96 10.57 -6.05
N ILE A 216 -11.60 9.29 -5.99
CA ILE A 216 -10.65 8.77 -6.97
C ILE A 216 -11.23 8.89 -8.37
N LYS A 217 -12.46 8.44 -8.56
CA LYS A 217 -13.05 8.43 -9.90
C LYS A 217 -13.21 9.85 -10.43
N GLN A 218 -13.68 10.77 -9.59
CA GLN A 218 -13.88 12.14 -10.04
C GLN A 218 -12.55 12.81 -10.35
N THR A 219 -11.53 12.55 -9.52
CA THR A 219 -10.24 13.17 -9.76
C THR A 219 -9.62 12.66 -11.05
N ILE A 220 -9.68 11.34 -11.28
CA ILE A 220 -9.14 10.81 -12.53
C ILE A 220 -9.87 11.39 -13.73
N ALA A 221 -11.18 11.56 -13.61
CA ALA A 221 -11.96 12.00 -14.76
C ALA A 221 -11.63 13.42 -15.19
N SER A 222 -11.00 14.23 -14.33
CA SER A 222 -10.75 15.63 -14.63
C SER A 222 -9.27 15.99 -14.57
N ASN A 223 -8.39 15.00 -14.49
CA ASN A 223 -6.95 15.27 -14.44
C ASN A 223 -6.14 14.35 -15.32
S SO4 B . 7.09 4.55 6.52
O1 SO4 B . 8.51 4.66 6.87
O2 SO4 B . 6.62 5.56 5.55
O3 SO4 B . 6.27 4.56 7.72
O4 SO4 B . 6.87 3.24 5.88
S SO4 C . -2.54 16.12 -18.47
O1 SO4 C . -1.67 16.44 -19.60
O2 SO4 C . -3.83 15.62 -18.95
O3 SO4 C . -2.80 17.33 -17.69
O4 SO4 C . -1.89 15.10 -17.65
C4 8M2 D . 3.16 0.30 8.40
C4 8M2 D . 4.71 0.54 10.23
S1 8M2 D . 4.12 1.55 7.78
S1 8M2 D . 5.26 1.73 9.14
C5 8M2 D . 5.13 1.57 9.16
C5 8M2 D . 3.96 1.45 8.05
C3 8M2 D . 4.73 0.62 10.07
C3 8M2 D . 3.15 0.45 8.51
C1 8M2 D . 3.59 -0.12 9.63
C1 8M2 D . 3.59 -0.09 9.78
C2 8M2 D . 2.99 -1.19 10.40
C2 8M2 D . 2.94 -1.21 10.42
N2 8M2 D . 3.43 -1.45 11.60
N2 8M2 D . 2.00 -1.86 9.80
N1 8M2 D . 2.03 -1.91 9.87
N1 8M2 D . 3.31 -1.57 11.63
S DMS E . -1.40 19.02 9.52
O DMS E . -2.28 18.94 8.30
C1 DMS E . 0.18 19.76 9.00
C2 DMS E . -2.05 20.34 10.57
S DMS F . 16.89 0.44 -4.14
O DMS F . 16.20 1.48 -3.34
C1 DMS F . 16.84 -1.12 -3.22
C2 DMS F . 15.83 0.02 -5.54
S DMS G . 17.64 -1.43 -10.80
O DMS G . 16.35 -0.99 -11.42
C1 DMS G . 19.01 -0.95 -11.89
C2 DMS G . 18.04 -0.38 -9.37
S DMS H . -0.41 9.08 14.02
O DMS H . 0.64 9.55 13.07
C1 DMS H . -1.59 8.02 13.15
C2 DMS H . 0.34 7.80 15.08
#